data_2J14
#
_entry.id   2J14
#
_cell.length_a   39.376
_cell.length_b   93.390
_cell.length_c   92.258
_cell.angle_alpha   90.00
_cell.angle_beta   90.00
_cell.angle_gamma   90.00
#
_symmetry.space_group_name_H-M   'P 1 21 1'
#
loop_
_entity.id
_entity.type
_entity.pdbx_description
1 polymer 'PEROXISOME PROLIFERATOR-ACTIVATED RECEPTOR DELTA'
2 non-polymer '(3-{4-[2-(2,4-DICHLORO-PHENOXY)-ETHYLCARBAMOYL]-5-PHENYL-ISOXAZOL-3-YL}-PHENYL)-ACETIC ACID'
3 water water
#
_entity_poly.entity_id   1
_entity_poly.type   'polypeptide(L)'
_entity_poly.pdbx_seq_one_letter_code
;MGHHHHHHGSQYNPQVADLKAFSKHIYNAYLKNFNMTKKKARSILTGKASHTAPFVIHDIETLWQAEKGLVWKQLVNGLP
PYKEISVHVFYRCQCTTVETVRELTEFAKSIPSFSSLFLNDQVTLLKYGVHEAIFAMLASIVNKDGLLVANGSGFVTREF
LRSLRKPFSDIIEPKFEFAVKFNALELDDSDLALFIAAIILCGDRPGLMNVPRVEAIQDTILRALEFHLQANHPDAQYLF
PKLLQKMADLRQLVTEHAQMMQRIKKTETETSLHPLLQEIYKDMY
;
_entity_poly.pdbx_strand_id   A,B
#
loop_
_chem_comp.id
_chem_comp.type
_chem_comp.name
_chem_comp.formula
GNI non-polymer '(3-{4-[2-(2,4-DICHLORO-PHENOXY)-ETHYLCARBAMOYL]-5-PHENYL-ISOXAZOL-3-YL}-PHENYL)-ACETIC ACID' 'C26 H20 Cl2 N2 O5'
#
# COMPACT_ATOMS: atom_id res chain seq x y z
N ASP A 18 -18.07 7.31 19.23
CA ASP A 18 -17.66 7.31 20.67
C ASP A 18 -16.16 7.05 20.83
N LEU A 19 -15.47 7.98 21.49
CA LEU A 19 -14.04 7.85 21.72
C LEU A 19 -13.69 6.66 22.60
N LYS A 20 -14.54 6.36 23.56
CA LYS A 20 -14.29 5.23 24.44
C LYS A 20 -14.30 3.94 23.62
N ALA A 21 -15.17 3.88 22.64
CA ALA A 21 -15.28 2.70 21.78
C ALA A 21 -14.13 2.67 20.78
N PHE A 22 -13.63 3.84 20.44
CA PHE A 22 -12.54 4.01 19.49
C PHE A 22 -11.20 3.62 20.13
N SER A 23 -11.03 3.98 21.40
CA SER A 23 -9.81 3.66 22.14
C SER A 23 -9.71 2.17 22.40
N LYS A 24 -10.85 1.50 22.57
CA LYS A 24 -10.85 0.06 22.83
C LYS A 24 -10.60 -0.73 21.55
N HIS A 25 -11.27 -0.32 20.47
CA HIS A 25 -11.11 -1.00 19.20
C HIS A 25 -9.63 -0.99 18.80
N ILE A 26 -8.97 0.15 19.01
CA ILE A 26 -7.56 0.26 18.67
C ILE A 26 -6.73 -0.61 19.60
N TYR A 27 -7.01 -0.48 20.89
CA TYR A 27 -6.29 -1.24 21.91
C TYR A 27 -6.31 -2.74 21.60
N ASN A 28 -7.43 -3.23 21.06
CA ASN A 28 -7.54 -4.64 20.72
C ASN A 28 -6.75 -4.95 19.46
N ALA A 29 -6.68 -3.97 18.56
CA ALA A 29 -5.93 -4.11 17.32
C ALA A 29 -4.45 -4.21 17.69
N TYR A 30 -4.12 -3.57 18.80
CA TYR A 30 -2.77 -3.55 19.34
C TYR A 30 -2.48 -4.90 19.97
N LEU A 31 -3.43 -5.39 20.75
CA LEU A 31 -3.28 -6.67 21.41
C LEU A 31 -3.16 -7.83 20.42
N LYS A 32 -3.81 -7.69 19.27
CA LYS A 32 -3.78 -8.75 18.29
C LYS A 32 -2.59 -8.75 17.34
N ASN A 33 -1.96 -7.60 17.17
CA ASN A 33 -0.84 -7.49 16.24
C ASN A 33 0.58 -7.46 16.78
N PHE A 34 0.76 -7.10 18.04
CA PHE A 34 2.11 -7.06 18.60
C PHE A 34 2.35 -8.27 19.48
N ASN A 35 3.51 -8.90 19.31
CA ASN A 35 3.83 -10.08 20.09
C ASN A 35 4.20 -9.69 21.52
N MET A 36 4.94 -8.60 21.65
CA MET A 36 5.38 -8.17 22.97
C MET A 36 4.64 -6.93 23.46
N THR A 37 3.86 -7.08 24.52
CA THR A 37 3.13 -5.95 25.10
C THR A 37 4.01 -5.37 26.19
N LYS A 38 3.66 -4.20 26.70
CA LYS A 38 4.46 -3.60 27.75
C LYS A 38 4.20 -4.29 29.08
N LYS A 39 2.95 -4.67 29.32
CA LYS A 39 2.59 -5.33 30.57
C LYS A 39 3.52 -6.52 30.76
N LYS A 40 3.61 -7.35 29.72
CA LYS A 40 4.46 -8.53 29.75
C LYS A 40 5.92 -8.15 29.92
N ALA A 41 6.41 -7.32 29.01
CA ALA A 41 7.80 -6.89 29.05
C ALA A 41 8.20 -6.39 30.43
N ARG A 42 7.40 -5.51 31.00
CA ARG A 42 7.72 -4.97 32.32
C ARG A 42 7.85 -6.01 33.41
N SER A 43 6.98 -7.02 33.39
CA SER A 43 7.03 -8.07 34.39
C SER A 43 8.30 -8.93 34.24
N ILE A 44 8.72 -9.13 32.99
CA ILE A 44 9.92 -9.93 32.73
C ILE A 44 11.13 -9.17 33.27
N LEU A 45 11.23 -7.89 32.93
CA LEU A 45 12.33 -7.04 33.38
C LEU A 45 12.31 -6.89 34.90
N THR A 46 11.42 -7.61 35.57
CA THR A 46 11.32 -7.53 37.02
C THR A 46 11.39 -8.91 37.66
N SER A 50 7.82 -10.32 38.17
CA SER A 50 8.72 -11.46 37.88
C SER A 50 7.99 -12.59 37.14
N HIS A 51 8.68 -13.71 36.95
CA HIS A 51 8.11 -14.86 36.26
C HIS A 51 9.22 -15.87 35.93
N THR A 52 10.05 -15.51 34.96
CA THR A 52 11.18 -16.33 34.51
C THR A 52 12.27 -15.40 33.97
N ALA A 53 13.53 -15.81 34.09
CA ALA A 53 14.65 -14.98 33.65
C ALA A 53 15.12 -15.16 32.21
N PRO A 54 15.42 -14.04 31.52
CA PRO A 54 15.89 -14.02 30.13
C PRO A 54 17.40 -14.28 30.04
N PHE A 55 17.87 -14.66 28.85
CA PHE A 55 19.30 -14.92 28.65
C PHE A 55 20.03 -13.63 28.30
N VAL A 56 20.97 -13.24 29.15
CA VAL A 56 21.74 -12.02 28.96
C VAL A 56 22.79 -12.11 27.85
N ILE A 57 22.78 -11.15 26.94
CA ILE A 57 23.73 -11.10 25.84
C ILE A 57 24.68 -9.90 26.04
N HIS A 58 25.96 -10.19 26.23
CA HIS A 58 26.96 -9.15 26.46
C HIS A 58 28.31 -9.36 25.76
N ASP A 59 28.35 -10.25 24.77
CA ASP A 59 29.58 -10.50 24.03
C ASP A 59 29.43 -11.62 23.00
N ILE A 60 30.39 -11.71 22.09
CA ILE A 60 30.38 -12.73 21.04
C ILE A 60 29.87 -14.06 21.60
N GLU A 61 30.48 -14.50 22.69
CA GLU A 61 30.12 -15.75 23.36
C GLU A 61 28.61 -15.89 23.48
N THR A 62 28.03 -15.07 24.34
CA THR A 62 26.60 -15.10 24.63
C THR A 62 25.67 -14.79 23.45
N LEU A 63 26.04 -13.83 22.60
CA LEU A 63 25.21 -13.50 21.46
C LEU A 63 24.98 -14.74 20.59
N TRP A 64 26.03 -15.51 20.36
CA TRP A 64 25.89 -16.71 19.55
C TRP A 64 25.10 -17.74 20.33
N GLN A 65 25.43 -17.87 21.61
CA GLN A 65 24.76 -18.82 22.48
C GLN A 65 23.25 -18.59 22.32
N ALA A 66 22.86 -17.32 22.19
CA ALA A 66 21.47 -16.93 22.04
C ALA A 66 20.90 -17.26 20.65
N GLU A 67 21.77 -17.24 19.64
CA GLU A 67 21.34 -17.53 18.28
C GLU A 67 21.40 -19.02 17.95
N LYS A 68 21.94 -19.81 18.88
CA LYS A 68 22.04 -21.25 18.68
C LYS A 68 20.66 -21.88 18.71
N LEU A 79 20.94 -14.65 8.69
CA LEU A 79 21.73 -13.39 8.80
C LEU A 79 22.76 -13.21 7.67
N PRO A 80 22.95 -11.97 7.23
CA PRO A 80 23.90 -11.70 6.16
C PRO A 80 25.32 -11.92 6.70
N PRO A 81 26.32 -11.97 5.82
CA PRO A 81 27.71 -12.19 6.21
C PRO A 81 28.28 -11.01 6.99
N TYR A 82 28.76 -11.26 8.21
CA TYR A 82 29.35 -10.20 9.01
C TYR A 82 30.78 -10.57 9.39
N LYS A 83 31.65 -9.57 9.46
CA LYS A 83 33.06 -9.82 9.77
C LYS A 83 33.48 -9.35 11.16
N GLU A 84 32.53 -8.85 11.94
CA GLU A 84 32.83 -8.36 13.28
C GLU A 84 31.56 -8.24 14.13
N ILE A 85 31.75 -8.22 15.44
CA ILE A 85 30.63 -8.13 16.38
C ILE A 85 29.72 -6.93 16.14
N SER A 86 30.28 -5.75 15.98
CA SER A 86 29.46 -4.56 15.77
C SER A 86 28.48 -4.71 14.61
N VAL A 87 29.01 -5.03 13.43
CA VAL A 87 28.17 -5.23 12.25
C VAL A 87 27.11 -6.30 12.54
N HIS A 88 27.52 -7.33 13.27
CA HIS A 88 26.61 -8.41 13.63
C HIS A 88 25.40 -7.83 14.35
N VAL A 89 25.65 -7.06 15.40
CA VAL A 89 24.56 -6.45 16.16
C VAL A 89 23.73 -5.56 15.23
N PHE A 90 24.40 -4.93 14.27
CA PHE A 90 23.71 -4.06 13.33
C PHE A 90 22.64 -4.87 12.61
N TYR A 91 23.00 -6.08 12.20
CA TYR A 91 22.05 -6.93 11.51
C TYR A 91 20.95 -7.42 12.45
N ARG A 92 21.26 -7.49 13.74
CA ARG A 92 20.29 -7.92 14.74
C ARG A 92 19.16 -6.90 14.84
N CYS A 93 19.52 -5.64 15.06
CA CYS A 93 18.54 -4.56 15.17
C CYS A 93 17.62 -4.57 13.97
N GLN A 94 18.20 -4.76 12.78
CA GLN A 94 17.41 -4.79 11.56
C GLN A 94 16.34 -5.86 11.64
N CYS A 95 16.71 -7.03 12.16
CA CYS A 95 15.76 -8.13 12.30
C CYS A 95 14.63 -7.64 13.19
N THR A 96 14.99 -7.00 14.28
CA THR A 96 14.01 -6.52 15.23
C THR A 96 13.09 -5.48 14.61
N THR A 97 13.65 -4.59 13.80
CA THR A 97 12.85 -3.54 13.17
C THR A 97 12.05 -4.00 11.96
N VAL A 98 12.46 -5.07 11.31
CA VAL A 98 11.71 -5.57 10.16
C VAL A 98 10.44 -6.22 10.69
N GLU A 99 10.60 -7.05 11.73
CA GLU A 99 9.48 -7.74 12.34
C GLU A 99 8.48 -6.72 12.89
N THR A 100 9.01 -5.62 13.42
CA THR A 100 8.16 -4.58 13.99
C THR A 100 7.43 -3.83 12.89
N VAL A 101 8.11 -3.57 11.78
CA VAL A 101 7.47 -2.87 10.67
C VAL A 101 6.31 -3.71 10.17
N ARG A 102 6.45 -5.03 10.31
CA ARG A 102 5.40 -5.95 9.88
C ARG A 102 4.21 -5.86 10.83
N GLU A 103 4.47 -6.00 12.12
CA GLU A 103 3.41 -5.94 13.11
C GLU A 103 2.72 -4.58 13.07
N LEU A 104 3.48 -3.53 12.75
CA LEU A 104 2.93 -2.18 12.66
C LEU A 104 2.01 -2.03 11.46
N THR A 105 2.32 -2.73 10.38
CA THR A 105 1.50 -2.67 9.18
C THR A 105 0.18 -3.38 9.46
N GLU A 106 0.26 -4.51 10.14
CA GLU A 106 -0.95 -5.25 10.48
C GLU A 106 -1.77 -4.42 11.45
N PHE A 107 -1.09 -3.82 12.42
CA PHE A 107 -1.76 -2.97 13.40
C PHE A 107 -2.44 -1.82 12.67
N ALA A 108 -1.65 -1.07 11.90
CA ALA A 108 -2.16 0.06 11.15
C ALA A 108 -3.34 -0.31 10.28
N LYS A 109 -3.42 -1.57 9.88
CA LYS A 109 -4.52 -2.01 9.05
C LYS A 109 -5.74 -2.41 9.87
N SER A 110 -5.51 -2.83 11.11
CA SER A 110 -6.60 -3.23 12.00
C SER A 110 -7.55 -2.09 12.29
N ILE A 111 -7.08 -0.86 12.15
CA ILE A 111 -7.92 0.30 12.36
C ILE A 111 -8.53 0.67 11.02
N PRO A 112 -9.86 0.46 10.88
CA PRO A 112 -10.66 0.74 9.68
C PRO A 112 -10.29 1.97 8.85
N SER A 113 -10.59 3.15 9.37
CA SER A 113 -10.30 4.41 8.68
C SER A 113 -8.98 4.43 7.91
N PHE A 114 -7.91 3.93 8.53
CA PHE A 114 -6.59 3.90 7.91
C PHE A 114 -6.61 3.18 6.57
N SER A 115 -7.12 1.96 6.56
CA SER A 115 -7.18 1.15 5.35
C SER A 115 -8.06 1.76 4.26
N SER A 116 -8.91 2.72 4.63
CA SER A 116 -9.77 3.35 3.64
C SER A 116 -8.96 4.30 2.78
N LEU A 117 -7.85 4.79 3.33
CA LEU A 117 -6.97 5.71 2.62
C LEU A 117 -6.42 4.99 1.39
N PHE A 118 -5.93 5.76 0.43
CA PHE A 118 -5.36 5.16 -0.79
C PHE A 118 -4.15 4.35 -0.41
N LEU A 119 -4.04 3.17 -0.99
CA LEU A 119 -2.93 2.27 -0.70
C LEU A 119 -1.61 3.00 -0.70
N ASN A 120 -1.44 3.96 -1.61
CA ASN A 120 -0.20 4.73 -1.66
C ASN A 120 0.03 5.43 -0.33
N ASP A 121 -0.88 6.32 0.03
CA ASP A 121 -0.77 7.06 1.28
C ASP A 121 -0.59 6.11 2.46
N GLN A 122 -1.28 4.97 2.41
CA GLN A 122 -1.17 3.95 3.45
C GLN A 122 0.31 3.61 3.59
N VAL A 123 0.96 3.40 2.45
CA VAL A 123 2.38 3.07 2.41
C VAL A 123 3.22 4.25 2.89
N THR A 124 2.83 5.46 2.46
CA THR A 124 3.53 6.68 2.84
C THR A 124 3.55 6.83 4.35
N LEU A 125 2.38 6.77 4.96
CA LEU A 125 2.28 6.89 6.41
C LEU A 125 3.24 5.94 7.10
N LEU A 126 3.18 4.67 6.72
CA LEU A 126 4.04 3.66 7.31
C LEU A 126 5.50 4.00 7.09
N LYS A 127 5.86 4.21 5.84
CA LYS A 127 7.24 4.52 5.49
C LYS A 127 7.87 5.59 6.37
N TYR A 128 7.23 6.75 6.46
CA TYR A 128 7.76 7.87 7.25
C TYR A 128 7.48 7.83 8.75
N GLY A 129 6.46 7.10 9.17
CA GLY A 129 6.15 7.03 10.58
C GLY A 129 6.55 5.72 11.23
N VAL A 130 6.92 4.75 10.41
CA VAL A 130 7.31 3.44 10.91
C VAL A 130 8.33 3.45 12.05
N HIS A 131 9.49 4.08 11.85
CA HIS A 131 10.51 4.11 12.89
C HIS A 131 10.16 4.86 14.18
N GLU A 132 9.26 5.83 14.08
CA GLU A 132 8.86 6.58 15.27
C GLU A 132 8.02 5.63 16.11
N ALA A 133 7.17 4.86 15.44
CA ALA A 133 6.32 3.90 16.11
C ALA A 133 7.18 2.82 16.75
N ILE A 134 8.32 2.50 16.11
CA ILE A 134 9.24 1.48 16.60
C ILE A 134 9.98 1.86 17.89
N PHE A 135 10.58 3.04 17.93
CA PHE A 135 11.32 3.46 19.14
C PHE A 135 10.40 3.71 20.31
N ALA A 136 9.20 4.18 20.03
CA ALA A 136 8.22 4.45 21.08
C ALA A 136 7.84 3.15 21.77
N MET A 137 7.57 2.13 20.97
CA MET A 137 7.21 0.84 21.52
C MET A 137 8.41 0.10 22.09
N LEU A 138 9.54 0.18 21.40
CA LEU A 138 10.73 -0.50 21.89
C LEU A 138 11.06 -0.01 23.28
N ALA A 139 10.65 1.22 23.58
CA ALA A 139 10.91 1.77 24.91
C ALA A 139 10.29 0.83 25.96
N SER A 140 9.18 0.20 25.58
CA SER A 140 8.48 -0.70 26.49
C SER A 140 9.35 -1.91 26.82
N ILE A 141 10.26 -2.21 25.89
CA ILE A 141 11.18 -3.34 26.04
C ILE A 141 12.49 -2.89 26.67
N VAL A 142 12.77 -1.59 26.58
CA VAL A 142 13.99 -0.99 27.13
C VAL A 142 13.97 -0.78 28.64
N ASN A 143 15.16 -0.60 29.19
CA ASN A 143 15.33 -0.39 30.62
C ASN A 143 16.76 0.08 30.86
N LYS A 144 16.91 1.03 31.78
CA LYS A 144 18.19 1.60 32.15
C LYS A 144 19.46 0.81 31.82
N ASP A 145 19.47 -0.50 32.11
CA ASP A 145 20.67 -1.31 31.86
C ASP A 145 20.70 -2.13 30.57
N GLY A 146 19.58 -2.17 29.85
CA GLY A 146 19.55 -2.93 28.61
C GLY A 146 18.13 -3.15 28.11
N LEU A 147 17.98 -3.90 27.02
CA LEU A 147 16.65 -4.16 26.47
C LEU A 147 16.41 -5.64 26.20
N LEU A 148 15.14 -6.01 26.16
CA LEU A 148 14.75 -7.39 25.89
C LEU A 148 14.79 -7.67 24.40
N VAL A 149 15.19 -8.88 24.03
CA VAL A 149 15.23 -9.26 22.62
C VAL A 149 14.44 -10.54 22.43
N ALA A 150 14.20 -10.91 21.17
CA ALA A 150 13.45 -12.11 20.86
C ALA A 150 12.29 -12.28 21.83
N ASN A 151 11.38 -11.31 21.82
CA ASN A 151 10.20 -11.31 22.68
C ASN A 151 10.47 -11.73 24.13
N GLY A 152 11.51 -11.16 24.73
CA GLY A 152 11.82 -11.47 26.12
C GLY A 152 12.75 -12.65 26.35
N SER A 153 13.01 -13.44 25.31
CA SER A 153 13.88 -14.59 25.45
C SER A 153 15.22 -14.17 26.06
N GLY A 154 15.77 -13.07 25.57
CA GLY A 154 17.05 -12.60 26.06
C GLY A 154 17.08 -11.13 26.42
N PHE A 155 18.19 -10.72 27.02
CA PHE A 155 18.39 -9.34 27.45
C PHE A 155 19.78 -8.87 27.01
N VAL A 156 19.82 -7.89 26.11
CA VAL A 156 21.09 -7.36 25.63
C VAL A 156 21.46 -6.17 26.50
N THR A 157 22.56 -6.30 27.23
CA THR A 157 23.01 -5.26 28.14
C THR A 157 23.51 -4.01 27.43
N ARG A 158 23.12 -2.86 27.98
CA ARG A 158 23.49 -1.57 27.44
C ARG A 158 25.02 -1.38 27.41
N GLU A 159 25.70 -1.95 28.40
CA GLU A 159 27.15 -1.84 28.49
C GLU A 159 27.82 -2.49 27.28
N PHE A 160 27.22 -3.57 26.80
CA PHE A 160 27.74 -4.29 25.64
C PHE A 160 27.60 -3.40 24.42
N LEU A 161 26.42 -2.79 24.26
CA LEU A 161 26.17 -1.90 23.13
C LEU A 161 27.08 -0.68 23.10
N ARG A 162 27.46 -0.18 24.27
CA ARG A 162 28.33 0.99 24.33
C ARG A 162 29.77 0.64 23.99
N SER A 163 30.07 -0.66 23.96
CA SER A 163 31.42 -1.12 23.67
C SER A 163 31.62 -1.54 22.22
N LEU A 164 30.76 -1.08 21.32
CA LEU A 164 30.89 -1.42 19.91
C LEU A 164 31.56 -0.25 19.18
N ARG A 165 32.17 -0.51 18.03
CA ARG A 165 32.83 0.55 17.27
C ARG A 165 31.96 1.79 17.22
N LYS A 166 32.58 2.94 17.48
CA LYS A 166 31.92 4.24 17.51
C LYS A 166 30.71 4.43 16.59
N PRO A 167 30.81 4.02 15.32
CA PRO A 167 29.66 4.21 14.43
C PRO A 167 28.39 3.55 14.94
N PHE A 168 28.53 2.33 15.46
CA PHE A 168 27.39 1.57 15.96
C PHE A 168 27.06 1.80 17.42
N SER A 169 28.08 2.00 18.24
CA SER A 169 27.83 2.22 19.66
C SER A 169 26.88 3.39 19.88
N ASP A 170 27.21 4.55 19.32
CA ASP A 170 26.38 5.73 19.53
C ASP A 170 25.16 5.91 18.62
N ILE A 171 24.74 4.88 17.92
CA ILE A 171 23.54 5.03 17.12
C ILE A 171 22.41 4.43 17.94
N ILE A 172 22.75 3.41 18.73
CA ILE A 172 21.77 2.74 19.57
C ILE A 172 21.52 3.51 20.86
N GLU A 173 22.56 4.16 21.38
CA GLU A 173 22.48 4.91 22.62
C GLU A 173 21.38 5.96 22.74
N PRO A 174 21.22 6.83 21.74
CA PRO A 174 20.17 7.83 21.87
C PRO A 174 18.82 7.21 22.22
N LYS A 175 18.54 6.05 21.64
CA LYS A 175 17.28 5.36 21.89
C LYS A 175 17.14 4.98 23.37
N PHE A 176 18.28 4.67 24.01
CA PHE A 176 18.27 4.30 25.42
C PHE A 176 17.89 5.49 26.28
N GLU A 177 18.44 6.66 25.96
CA GLU A 177 18.14 7.86 26.72
C GLU A 177 16.69 8.27 26.48
N PHE A 178 16.20 8.04 25.26
CA PHE A 178 14.82 8.38 24.96
C PHE A 178 13.88 7.48 25.75
N ALA A 179 14.00 6.18 25.53
CA ALA A 179 13.17 5.19 26.21
C ALA A 179 13.09 5.44 27.71
N VAL A 180 14.24 5.65 28.34
CA VAL A 180 14.27 5.89 29.79
C VAL A 180 13.39 7.05 30.20
N LYS A 181 13.54 8.19 29.54
CA LYS A 181 12.73 9.35 29.87
C LYS A 181 11.26 9.10 29.52
N PHE A 182 11.04 8.40 28.40
CA PHE A 182 9.69 8.10 27.93
C PHE A 182 8.93 7.16 28.86
N ASN A 183 9.60 6.10 29.29
CA ASN A 183 8.97 5.13 30.18
C ASN A 183 8.62 5.78 31.49
N ALA A 184 9.19 6.95 31.74
CA ALA A 184 8.96 7.68 32.97
C ALA A 184 7.53 8.20 33.06
N LEU A 185 6.94 8.56 31.92
CA LEU A 185 5.56 9.04 31.93
C LEU A 185 4.65 7.88 32.34
N GLU A 186 5.24 6.71 32.48
CA GLU A 186 4.54 5.49 32.87
C GLU A 186 3.19 5.26 32.20
N LEU A 187 3.21 5.10 30.88
CA LEU A 187 2.00 4.84 30.12
C LEU A 187 1.85 3.33 30.06
N ASP A 188 0.66 2.84 29.72
CA ASP A 188 0.43 1.40 29.57
C ASP A 188 -0.08 1.11 28.17
N ASP A 189 -0.09 -0.17 27.81
CA ASP A 189 -0.52 -0.57 26.49
C ASP A 189 -1.77 0.13 25.96
N SER A 190 -2.72 0.42 26.83
CA SER A 190 -3.94 1.09 26.39
C SER A 190 -3.62 2.47 25.81
N ASP A 191 -2.64 3.13 26.41
CA ASP A 191 -2.25 4.46 25.94
C ASP A 191 -1.40 4.30 24.70
N LEU A 192 -0.40 3.43 24.77
CA LEU A 192 0.48 3.20 23.63
C LEU A 192 -0.28 2.94 22.34
N ALA A 193 -1.33 2.11 22.43
CA ALA A 193 -2.13 1.79 21.25
C ALA A 193 -2.55 3.07 20.55
N LEU A 194 -3.09 3.99 21.32
CA LEU A 194 -3.52 5.27 20.77
C LEU A 194 -2.32 6.08 20.32
N PHE A 195 -1.31 6.14 21.17
CA PHE A 195 -0.09 6.89 20.87
C PHE A 195 0.55 6.54 19.55
N ILE A 196 0.73 5.24 19.28
CA ILE A 196 1.35 4.86 18.01
C ILE A 196 0.39 5.09 16.84
N ALA A 197 -0.91 5.05 17.11
CA ALA A 197 -1.88 5.29 16.05
C ALA A 197 -1.77 6.75 15.63
N ALA A 198 -1.66 7.64 16.61
CA ALA A 198 -1.55 9.07 16.35
C ALA A 198 -0.26 9.38 15.61
N ILE A 199 0.71 8.47 15.70
CA ILE A 199 2.01 8.64 15.04
C ILE A 199 1.99 8.15 13.60
N ILE A 200 1.44 6.96 13.39
CA ILE A 200 1.37 6.40 12.06
C ILE A 200 0.46 7.24 11.19
N LEU A 201 -0.61 7.75 11.78
CA LEU A 201 -1.54 8.57 11.02
C LEU A 201 -1.18 10.04 11.15
N CYS A 202 -0.03 10.40 10.58
CA CYS A 202 0.45 11.77 10.60
C CYS A 202 0.31 12.38 9.22
N GLY A 203 -0.69 13.22 9.05
CA GLY A 203 -0.93 13.84 7.76
C GLY A 203 0.17 14.82 7.35
N ASP A 204 1.25 14.85 8.11
CA ASP A 204 2.34 15.77 7.79
C ASP A 204 3.49 15.12 7.03
N ARG A 205 3.37 13.82 6.74
CA ARG A 205 4.40 13.13 6.00
C ARG A 205 4.44 13.70 4.60
N PRO A 206 5.62 13.70 3.97
CA PRO A 206 5.78 14.23 2.61
C PRO A 206 5.34 13.23 1.55
N GLY A 207 4.41 13.65 0.68
CA GLY A 207 3.96 12.79 -0.38
C GLY A 207 2.54 12.28 -0.28
N LEU A 208 1.83 12.69 0.77
CA LEU A 208 0.46 12.24 0.95
C LEU A 208 -0.46 12.83 -0.11
N MET A 209 -1.37 12.02 -0.62
CA MET A 209 -2.31 12.48 -1.64
C MET A 209 -3.48 13.17 -0.96
N ASN A 210 -4.22 12.42 -0.14
CA ASN A 210 -5.36 12.97 0.56
C ASN A 210 -4.93 13.39 1.96
N VAL A 211 -4.09 14.42 2.04
CA VAL A 211 -3.61 14.91 3.32
C VAL A 211 -4.75 15.22 4.30
N PRO A 212 -5.81 15.90 3.83
CA PRO A 212 -6.94 16.23 4.70
C PRO A 212 -7.55 15.03 5.41
N ARG A 213 -7.78 13.95 4.67
CA ARG A 213 -8.39 12.75 5.25
C ARG A 213 -7.50 12.13 6.33
N VAL A 214 -6.19 12.25 6.17
CA VAL A 214 -5.29 11.72 7.16
C VAL A 214 -5.42 12.58 8.40
N GLU A 215 -5.32 13.89 8.22
CA GLU A 215 -5.46 14.82 9.33
C GLU A 215 -6.78 14.57 10.06
N ALA A 216 -7.82 14.25 9.30
CA ALA A 216 -9.13 13.97 9.88
C ALA A 216 -9.01 12.76 10.80
N ILE A 217 -8.47 11.66 10.28
CA ILE A 217 -8.31 10.45 11.08
C ILE A 217 -7.46 10.72 12.32
N GLN A 218 -6.35 11.41 12.15
CA GLN A 218 -5.46 11.70 13.26
C GLN A 218 -6.12 12.50 14.37
N ASP A 219 -6.95 13.47 13.99
CA ASP A 219 -7.61 14.28 15.00
C ASP A 219 -8.55 13.45 15.84
N THR A 220 -9.13 12.41 15.25
CA THR A 220 -10.02 11.54 15.98
C THR A 220 -9.16 10.77 16.99
N ILE A 221 -8.05 10.21 16.50
CA ILE A 221 -7.13 9.47 17.34
C ILE A 221 -6.67 10.38 18.49
N LEU A 222 -6.18 11.56 18.15
CA LEU A 222 -5.72 12.51 19.15
C LEU A 222 -6.79 12.84 20.18
N ARG A 223 -8.07 12.79 19.76
CA ARG A 223 -9.14 13.08 20.70
C ARG A 223 -9.38 11.86 21.57
N ALA A 224 -9.24 10.67 20.99
CA ALA A 224 -9.41 9.45 21.75
C ALA A 224 -8.23 9.39 22.72
N LEU A 225 -7.07 9.82 22.26
CA LEU A 225 -5.88 9.83 23.10
C LEU A 225 -6.10 10.79 24.26
N GLU A 226 -6.50 12.01 23.93
CA GLU A 226 -6.78 13.04 24.94
C GLU A 226 -7.71 12.46 25.99
N PHE A 227 -8.92 12.16 25.55
CA PHE A 227 -9.94 11.59 26.42
C PHE A 227 -9.37 10.47 27.30
N HIS A 228 -8.94 9.39 26.65
CA HIS A 228 -8.41 8.23 27.36
C HIS A 228 -7.40 8.53 28.46
N LEU A 229 -6.43 9.38 28.17
CA LEU A 229 -5.43 9.72 29.17
C LEU A 229 -6.08 10.30 30.41
N GLN A 230 -6.78 11.41 30.23
CA GLN A 230 -7.48 12.08 31.32
C GLN A 230 -8.33 11.10 32.13
N ALA A 231 -8.65 9.97 31.52
CA ALA A 231 -9.44 8.95 32.19
C ALA A 231 -8.54 7.94 32.89
N ASN A 232 -7.66 7.31 32.11
CA ASN A 232 -6.74 6.31 32.64
C ASN A 232 -5.75 6.87 33.66
N HIS A 233 -5.21 8.06 33.39
CA HIS A 233 -4.25 8.71 34.29
C HIS A 233 -4.83 10.07 34.67
N PRO A 234 -5.81 10.11 35.59
CA PRO A 234 -6.45 11.34 36.03
C PRO A 234 -5.61 12.31 36.88
N ASP A 235 -4.52 11.82 37.48
CA ASP A 235 -3.68 12.70 38.29
C ASP A 235 -2.49 13.23 37.51
N ALA A 236 -2.33 12.76 36.27
CA ALA A 236 -1.24 13.22 35.41
C ALA A 236 -1.83 14.36 34.59
N GLN A 237 -1.90 15.54 35.19
CA GLN A 237 -2.48 16.72 34.57
C GLN A 237 -2.03 17.14 33.17
N TYR A 238 -0.72 17.12 32.92
CA TYR A 238 -0.19 17.53 31.62
C TYR A 238 0.35 16.39 30.78
N LEU A 239 -0.07 15.17 31.09
CA LEU A 239 0.41 14.01 30.35
C LEU A 239 0.18 14.12 28.86
N PHE A 240 -0.95 14.71 28.46
CA PHE A 240 -1.26 14.85 27.04
C PHE A 240 -0.33 15.80 26.29
N PRO A 241 -0.23 17.06 26.75
CA PRO A 241 0.66 17.98 26.04
C PRO A 241 2.11 17.52 26.14
N LYS A 242 2.39 16.77 27.21
CA LYS A 242 3.73 16.26 27.47
C LYS A 242 4.02 15.06 26.56
N LEU A 243 2.99 14.25 26.34
CA LEU A 243 3.11 13.06 25.50
C LEU A 243 3.27 13.50 24.04
N LEU A 244 2.54 14.54 23.66
CA LEU A 244 2.62 15.05 22.29
C LEU A 244 4.03 15.54 22.00
N GLN A 245 4.70 16.03 23.05
CA GLN A 245 6.06 16.50 22.90
C GLN A 245 6.95 15.30 22.63
N LYS A 246 6.76 14.23 23.39
CA LYS A 246 7.56 13.04 23.20
C LYS A 246 7.37 12.56 21.77
N MET A 247 6.23 12.89 21.19
CA MET A 247 5.95 12.50 19.82
C MET A 247 6.85 13.34 18.92
N ALA A 248 7.16 14.54 19.40
CA ALA A 248 8.03 15.45 18.66
C ALA A 248 9.48 15.01 18.81
N ASP A 249 9.84 14.55 20.01
CA ASP A 249 11.20 14.08 20.26
C ASP A 249 11.52 12.89 19.36
N LEU A 250 10.48 12.13 19.02
CA LEU A 250 10.63 10.97 18.17
C LEU A 250 10.87 11.39 16.72
N ARG A 251 10.10 12.37 16.27
CA ARG A 251 10.25 12.86 14.91
C ARG A 251 11.70 13.25 14.76
N GLN A 252 12.22 13.89 15.79
CA GLN A 252 13.60 14.36 15.84
C GLN A 252 14.56 13.18 15.98
N LEU A 253 14.21 12.26 16.87
CA LEU A 253 15.02 11.07 17.13
C LEU A 253 15.26 10.26 15.86
N VAL A 254 14.19 10.08 15.08
CA VAL A 254 14.28 9.33 13.83
C VAL A 254 15.11 10.08 12.79
N THR A 255 14.87 11.39 12.67
CA THR A 255 15.60 12.19 11.71
C THR A 255 17.10 12.01 11.92
N GLU A 256 17.53 12.03 13.18
CA GLU A 256 18.95 11.86 13.50
C GLU A 256 19.38 10.44 13.23
N HIS A 257 18.48 9.50 13.47
CA HIS A 257 18.77 8.09 13.25
C HIS A 257 18.98 7.82 11.77
N ALA A 258 18.10 8.37 10.94
CA ALA A 258 18.20 8.19 9.50
C ALA A 258 19.53 8.73 9.00
N GLN A 259 19.95 9.86 9.58
CA GLN A 259 21.21 10.48 9.19
C GLN A 259 22.37 9.55 9.54
N MET A 260 22.26 8.88 10.69
CA MET A 260 23.31 7.97 11.13
C MET A 260 23.27 6.71 10.28
N MET A 261 22.07 6.32 9.85
CA MET A 261 21.93 5.15 9.00
C MET A 261 22.67 5.53 7.73
N GLN A 262 22.39 6.74 7.27
CA GLN A 262 23.00 7.30 6.08
C GLN A 262 24.50 7.08 6.13
N ARG A 263 25.13 7.65 7.16
CA ARG A 263 26.56 7.56 7.37
C ARG A 263 27.09 6.14 7.50
N ILE A 264 26.28 5.23 8.03
CA ILE A 264 26.72 3.86 8.17
C ILE A 264 26.71 3.20 6.80
N LYS A 265 25.85 3.70 5.92
CA LYS A 265 25.76 3.16 4.57
C LYS A 265 26.90 3.73 3.75
N LYS A 266 27.27 4.96 4.07
CA LYS A 266 28.34 5.65 3.36
C LYS A 266 29.74 5.25 3.81
N THR A 267 29.95 5.10 5.11
CA THR A 267 31.27 4.75 5.64
C THR A 267 31.51 3.26 5.94
N GLU A 268 30.47 2.51 6.23
CA GLU A 268 30.62 1.09 6.51
C GLU A 268 30.17 0.29 5.29
N THR A 269 30.79 0.57 4.16
CA THR A 269 30.46 -0.07 2.89
C THR A 269 30.19 -1.58 2.98
N GLU A 270 30.72 -2.25 4.00
CA GLU A 270 30.52 -3.69 4.15
C GLU A 270 29.12 -4.08 4.59
N THR A 271 28.46 -3.20 5.34
CA THR A 271 27.11 -3.49 5.80
C THR A 271 26.10 -3.33 4.67
N SER A 272 24.85 -3.67 4.97
CA SER A 272 23.74 -3.57 4.03
C SER A 272 22.47 -3.67 4.86
N LEU A 273 21.33 -3.33 4.28
CA LEU A 273 20.09 -3.41 5.05
C LEU A 273 18.93 -4.12 4.36
N HIS A 274 18.18 -4.90 5.14
CA HIS A 274 17.04 -5.65 4.65
C HIS A 274 16.30 -4.80 3.63
N PRO A 275 16.00 -5.39 2.45
CA PRO A 275 15.30 -4.69 1.38
C PRO A 275 14.09 -3.86 1.83
N LEU A 276 13.44 -4.31 2.91
CA LEU A 276 12.28 -3.59 3.44
C LEU A 276 12.74 -2.26 4.02
N LEU A 277 13.85 -2.29 4.73
CA LEU A 277 14.43 -1.09 5.33
C LEU A 277 15.07 -0.30 4.22
N GLN A 278 15.41 -0.99 3.16
CA GLN A 278 16.04 -0.38 2.00
C GLN A 278 14.98 0.50 1.35
N GLU A 279 13.73 0.07 1.44
CA GLU A 279 12.61 0.80 0.85
C GLU A 279 12.20 2.00 1.70
N ILE A 280 12.29 1.85 3.02
CA ILE A 280 11.91 2.92 3.94
C ILE A 280 12.94 4.05 3.96
N TYR A 281 14.21 3.67 3.82
CA TYR A 281 15.30 4.64 3.83
C TYR A 281 15.62 5.21 2.46
N LYS A 282 14.67 5.16 1.54
CA LYS A 282 14.87 5.73 0.21
C LYS A 282 14.66 7.23 0.40
N ASP A 283 14.34 7.59 1.65
CA ASP A 283 14.12 8.96 2.06
C ASP A 283 13.81 8.97 3.55
N MET A 284 12.64 8.71 3.91
N LEU B 19 -8.08 -24.80 -8.75
CA LEU B 19 -9.30 -25.27 -8.04
C LEU B 19 -10.44 -24.29 -8.34
N LYS B 20 -11.57 -24.82 -8.77
CA LYS B 20 -12.71 -23.97 -9.12
C LYS B 20 -13.25 -23.18 -7.94
N ALA B 21 -12.88 -23.58 -6.73
CA ALA B 21 -13.34 -22.85 -5.55
C ALA B 21 -12.65 -21.49 -5.60
N PHE B 22 -11.42 -21.52 -6.11
CA PHE B 22 -10.59 -20.34 -6.25
C PHE B 22 -11.15 -19.46 -7.36
N SER B 23 -11.45 -20.07 -8.51
CA SER B 23 -12.00 -19.31 -9.64
C SER B 23 -13.30 -18.62 -9.24
N LYS B 24 -14.06 -19.24 -8.35
CA LYS B 24 -15.33 -18.66 -7.92
C LYS B 24 -15.12 -17.48 -6.98
N HIS B 25 -14.25 -17.65 -5.98
CA HIS B 25 -13.98 -16.60 -5.02
C HIS B 25 -13.56 -15.29 -5.69
N ILE B 26 -12.81 -15.38 -6.77
CA ILE B 26 -12.35 -14.19 -7.48
C ILE B 26 -13.45 -13.61 -8.34
N TYR B 27 -14.30 -14.48 -8.88
CA TYR B 27 -15.39 -14.03 -9.72
C TYR B 27 -16.40 -13.29 -8.86
N ASN B 28 -16.49 -13.68 -7.59
CA ASN B 28 -17.41 -13.04 -6.66
C ASN B 28 -16.84 -11.73 -6.15
N ALA B 29 -15.52 -11.70 -5.95
CA ALA B 29 -14.84 -10.50 -5.49
C ALA B 29 -14.98 -9.47 -6.61
N TYR B 30 -15.00 -9.99 -7.84
CA TYR B 30 -15.15 -9.19 -9.05
C TYR B 30 -16.54 -8.57 -9.06
N LEU B 31 -17.56 -9.42 -8.90
CA LEU B 31 -18.94 -8.97 -8.88
C LEU B 31 -19.18 -7.97 -7.75
N LYS B 32 -18.44 -8.11 -6.66
CA LYS B 32 -18.61 -7.24 -5.50
C LYS B 32 -17.91 -5.88 -5.62
N ASN B 33 -16.85 -5.80 -6.41
CA ASN B 33 -16.11 -4.55 -6.54
C ASN B 33 -16.28 -3.71 -7.81
N PHE B 34 -16.96 -4.24 -8.81
CA PHE B 34 -17.15 -3.47 -10.04
C PHE B 34 -18.61 -3.10 -10.26
N ASN B 35 -18.87 -1.81 -10.48
CA ASN B 35 -20.23 -1.33 -10.70
C ASN B 35 -20.77 -1.88 -12.01
N MET B 36 -19.90 -1.99 -13.00
CA MET B 36 -20.29 -2.45 -14.32
C MET B 36 -19.76 -3.84 -14.61
N THR B 37 -20.57 -4.69 -15.25
CA THR B 37 -20.15 -6.03 -15.63
C THR B 37 -20.29 -6.12 -17.13
N LYS B 38 -19.64 -7.10 -17.75
CA LYS B 38 -19.74 -7.25 -19.19
C LYS B 38 -21.15 -7.70 -19.58
N LYS B 39 -21.79 -8.48 -18.71
CA LYS B 39 -23.13 -8.98 -18.97
C LYS B 39 -24.09 -7.81 -19.15
N LYS B 40 -24.10 -6.88 -18.20
CA LYS B 40 -24.97 -5.73 -18.30
C LYS B 40 -24.50 -4.85 -19.45
N ALA B 41 -23.19 -4.73 -19.60
CA ALA B 41 -22.61 -3.92 -20.64
C ALA B 41 -23.11 -4.38 -22.01
N ARG B 42 -22.79 -5.62 -22.37
CA ARG B 42 -23.23 -6.13 -23.66
C ARG B 42 -24.73 -5.91 -23.75
N SER B 43 -25.43 -6.18 -22.65
CA SER B 43 -26.87 -6.01 -22.61
C SER B 43 -27.28 -4.65 -23.14
N ILE B 44 -27.01 -3.60 -22.36
CA ILE B 44 -27.36 -2.24 -22.76
C ILE B 44 -27.01 -1.99 -24.22
N LEU B 45 -25.79 -2.35 -24.60
CA LEU B 45 -25.33 -2.16 -25.96
C LEU B 45 -26.21 -2.89 -26.97
N THR B 46 -26.76 -4.02 -26.56
CA THR B 46 -27.60 -4.81 -27.46
C THR B 46 -29.06 -4.86 -27.00
N GLY B 47 -29.76 -3.73 -27.09
CA GLY B 47 -31.16 -3.69 -26.69
C GLY B 47 -31.39 -3.94 -25.20
N LYS B 48 -32.65 -4.19 -24.85
CA LYS B 48 -33.08 -4.46 -23.46
C LYS B 48 -33.41 -3.18 -22.67
N PRO B 54 -29.75 4.99 -22.88
CA PRO B 54 -28.33 5.42 -22.89
C PRO B 54 -28.12 6.66 -23.77
N PHE B 55 -27.88 7.80 -23.13
CA PHE B 55 -27.67 9.06 -23.84
C PHE B 55 -26.44 8.99 -24.74
N VAL B 56 -26.55 9.57 -25.94
CA VAL B 56 -25.44 9.55 -26.89
C VAL B 56 -24.62 10.84 -26.98
N ILE B 57 -23.42 10.80 -26.43
CA ILE B 57 -22.50 11.92 -26.42
C ILE B 57 -21.69 11.88 -27.72
N HIS B 58 -21.94 12.83 -28.61
CA HIS B 58 -21.25 12.87 -29.90
C HIS B 58 -20.77 14.26 -30.31
N ASP B 59 -20.76 15.18 -29.34
CA ASP B 59 -20.29 16.54 -29.59
C ASP B 59 -20.38 17.38 -28.33
N ILE B 60 -19.85 18.60 -28.43
CA ILE B 60 -19.86 19.53 -27.30
C ILE B 60 -21.22 19.63 -26.64
N GLU B 61 -22.24 19.90 -27.44
CA GLU B 61 -23.61 20.03 -26.94
C GLU B 61 -24.01 18.83 -26.09
N THR B 62 -24.17 17.68 -26.75
CA THR B 62 -24.54 16.45 -26.08
C THR B 62 -23.66 16.18 -24.85
N LEU B 63 -22.39 16.50 -24.94
CA LEU B 63 -21.51 16.29 -23.80
C LEU B 63 -22.02 17.12 -22.61
N TRP B 64 -22.30 18.40 -22.85
CA TRP B 64 -22.79 19.27 -21.80
C TRP B 64 -24.10 18.70 -21.29
N GLN B 65 -25.00 18.41 -22.22
CA GLN B 65 -26.29 17.86 -21.88
C GLN B 65 -26.12 16.65 -20.97
N ALA B 66 -25.06 15.89 -21.21
CA ALA B 66 -24.75 14.70 -20.40
C ALA B 66 -24.17 15.11 -19.06
N GLU B 67 -23.41 16.20 -19.05
CA GLU B 67 -22.79 16.67 -17.81
C GLU B 67 -23.82 17.00 -16.75
N LYS B 68 -25.06 17.28 -17.17
CA LYS B 68 -26.13 17.58 -16.22
C LYS B 68 -26.82 16.29 -15.80
N GLY B 69 -27.05 15.39 -16.75
CA GLY B 69 -27.74 14.14 -16.46
C GLY B 69 -26.99 12.82 -16.61
N LEU B 70 -25.72 12.78 -16.21
CA LEU B 70 -24.86 11.57 -16.24
C LEU B 70 -23.36 11.87 -16.17
N LEU B 79 -14.48 19.09 -12.60
CA LEU B 79 -13.48 18.93 -13.70
C LEU B 79 -12.53 20.11 -13.83
N PRO B 80 -11.25 19.84 -14.06
CA PRO B 80 -10.28 20.93 -14.20
C PRO B 80 -10.68 21.84 -15.35
N PRO B 81 -10.25 23.11 -15.29
CA PRO B 81 -10.57 24.05 -16.35
C PRO B 81 -10.09 23.55 -17.70
N TYR B 82 -10.89 23.76 -18.74
CA TYR B 82 -10.53 23.34 -20.08
C TYR B 82 -10.89 24.40 -21.10
N LYS B 83 -10.06 24.55 -22.12
CA LYS B 83 -10.29 25.55 -23.16
C LYS B 83 -10.90 24.95 -24.43
N GLU B 84 -10.85 23.64 -24.54
CA GLU B 84 -11.40 22.99 -25.72
C GLU B 84 -12.01 21.63 -25.43
N ILE B 85 -12.89 21.19 -26.34
CA ILE B 85 -13.56 19.90 -26.21
C ILE B 85 -12.58 18.75 -26.00
N SER B 86 -11.47 18.76 -26.73
CA SER B 86 -10.48 17.69 -26.62
C SER B 86 -9.93 17.57 -25.21
N VAL B 87 -9.40 18.67 -24.69
CA VAL B 87 -8.85 18.66 -23.34
C VAL B 87 -9.95 18.27 -22.35
N HIS B 88 -11.18 18.62 -22.71
CA HIS B 88 -12.32 18.31 -21.88
C HIS B 88 -12.45 16.80 -21.80
N VAL B 89 -12.60 16.16 -22.95
CA VAL B 89 -12.74 14.71 -23.01
C VAL B 89 -11.55 14.04 -22.33
N PHE B 90 -10.37 14.66 -22.46
CA PHE B 90 -9.17 14.12 -21.84
C PHE B 90 -9.42 13.94 -20.35
N TYR B 91 -9.98 14.96 -19.72
CA TYR B 91 -10.27 14.89 -18.30
C TYR B 91 -11.42 13.92 -18.02
N ARG B 92 -12.27 13.71 -19.01
CA ARG B 92 -13.38 12.77 -18.87
C ARG B 92 -12.83 11.35 -18.78
N CYS B 93 -11.83 11.05 -19.61
CA CYS B 93 -11.19 9.74 -19.62
C CYS B 93 -10.52 9.52 -18.28
N GLN B 94 -9.99 10.60 -17.71
CA GLN B 94 -9.32 10.51 -16.43
C GLN B 94 -10.32 10.16 -15.32
N CYS B 95 -11.52 10.72 -15.39
CA CYS B 95 -12.52 10.40 -14.38
C CYS B 95 -12.69 8.89 -14.36
N THR B 96 -12.92 8.33 -15.54
CA THR B 96 -13.11 6.90 -15.70
C THR B 96 -12.01 6.05 -15.10
N THR B 97 -10.78 6.25 -15.55
CA THR B 97 -9.68 5.45 -15.04
C THR B 97 -9.45 5.58 -13.54
N VAL B 98 -9.72 6.76 -12.98
CA VAL B 98 -9.52 6.95 -11.55
C VAL B 98 -10.49 6.04 -10.80
N GLU B 99 -11.76 6.10 -11.16
CA GLU B 99 -12.75 5.26 -10.51
C GLU B 99 -12.38 3.79 -10.71
N THR B 100 -12.03 3.43 -11.94
CA THR B 100 -11.64 2.05 -12.25
C THR B 100 -10.50 1.64 -11.33
N VAL B 101 -9.45 2.46 -11.31
CA VAL B 101 -8.29 2.19 -10.47
C VAL B 101 -8.74 1.93 -9.03
N ARG B 102 -9.81 2.61 -8.63
CA ARG B 102 -10.35 2.49 -7.29
C ARG B 102 -11.05 1.14 -7.14
N GLU B 103 -11.81 0.74 -8.15
CA GLU B 103 -12.52 -0.52 -8.11
C GLU B 103 -11.54 -1.69 -8.21
N LEU B 104 -10.45 -1.48 -8.95
CA LEU B 104 -9.43 -2.50 -9.14
C LEU B 104 -8.63 -2.69 -7.86
N THR B 105 -8.48 -1.62 -7.09
CA THR B 105 -7.73 -1.68 -5.84
C THR B 105 -8.53 -2.52 -4.86
N GLU B 106 -9.82 -2.23 -4.76
CA GLU B 106 -10.67 -3.00 -3.86
C GLU B 106 -10.69 -4.45 -4.31
N PHE B 107 -10.92 -4.65 -5.61
CA PHE B 107 -10.95 -5.99 -6.17
C PHE B 107 -9.70 -6.76 -5.81
N ALA B 108 -8.54 -6.13 -5.99
CA ALA B 108 -7.27 -6.78 -5.68
C ALA B 108 -7.14 -7.11 -4.20
N LYS B 109 -7.51 -6.16 -3.34
CA LYS B 109 -7.42 -6.38 -1.91
C LYS B 109 -8.37 -7.51 -1.53
N SER B 110 -9.39 -7.72 -2.36
CA SER B 110 -10.39 -8.74 -2.11
C SER B 110 -10.07 -10.13 -2.66
N ILE B 111 -8.86 -10.31 -3.19
CA ILE B 111 -8.49 -11.61 -3.71
C ILE B 111 -7.65 -12.34 -2.65
N PRO B 112 -7.44 -13.66 -2.83
CA PRO B 112 -6.68 -14.53 -1.92
C PRO B 112 -5.47 -13.96 -1.17
N SER B 113 -4.29 -14.21 -1.74
CA SER B 113 -3.03 -13.81 -1.14
C SER B 113 -2.54 -12.39 -1.36
N PHE B 114 -3.14 -11.66 -2.29
CA PHE B 114 -2.71 -10.29 -2.57
C PHE B 114 -2.55 -9.48 -1.29
N SER B 115 -3.53 -9.58 -0.40
CA SER B 115 -3.49 -8.86 0.86
C SER B 115 -2.26 -9.27 1.68
N SER B 116 -1.94 -10.55 1.66
CA SER B 116 -0.78 -11.06 2.37
C SER B 116 0.49 -10.41 1.86
N LEU B 117 0.51 -10.05 0.58
CA LEU B 117 1.66 -9.39 0.00
C LEU B 117 1.83 -8.10 0.80
N PHE B 118 3.00 -7.49 0.76
CA PHE B 118 3.17 -6.26 1.52
C PHE B 118 2.76 -5.06 0.69
N LEU B 119 2.07 -4.12 1.33
CA LEU B 119 1.59 -2.93 0.66
C LEU B 119 2.56 -2.41 -0.39
N ASN B 120 3.86 -2.37 -0.05
CA ASN B 120 4.86 -1.90 -0.99
C ASN B 120 4.62 -2.56 -2.34
N ASP B 121 4.55 -3.89 -2.35
CA ASP B 121 4.33 -4.63 -3.58
C ASP B 121 2.89 -4.57 -4.06
N GLN B 122 1.94 -4.41 -3.15
CA GLN B 122 0.55 -4.31 -3.55
C GLN B 122 0.42 -3.03 -4.38
N VAL B 123 1.08 -1.98 -3.91
CA VAL B 123 1.08 -0.69 -4.57
C VAL B 123 1.81 -0.77 -5.90
N THR B 124 2.86 -1.57 -5.95
CA THR B 124 3.62 -1.75 -7.18
C THR B 124 2.78 -2.49 -8.22
N LEU B 125 2.26 -3.64 -7.84
CA LEU B 125 1.43 -4.43 -8.75
C LEU B 125 0.38 -3.54 -9.41
N LEU B 126 -0.32 -2.76 -8.60
CA LEU B 126 -1.35 -1.87 -9.11
C LEU B 126 -0.78 -0.77 -9.99
N LYS B 127 0.26 -0.10 -9.50
CA LYS B 127 0.90 0.99 -10.24
C LYS B 127 1.25 0.56 -11.67
N TYR B 128 1.88 -0.60 -11.80
CA TYR B 128 2.32 -1.12 -13.10
C TYR B 128 1.35 -2.03 -13.86
N GLY B 129 0.22 -2.38 -13.26
CA GLY B 129 -0.71 -3.24 -13.95
C GLY B 129 -2.13 -2.73 -13.98
N VAL B 130 -2.41 -1.66 -13.25
CA VAL B 130 -3.75 -1.12 -13.19
C VAL B 130 -4.29 -0.69 -14.56
N HIS B 131 -3.44 -0.16 -15.43
CA HIS B 131 -3.90 0.26 -16.76
C HIS B 131 -4.14 -0.89 -17.72
N GLU B 132 -3.43 -2.00 -17.52
CA GLU B 132 -3.61 -3.17 -18.36
C GLU B 132 -4.96 -3.79 -18.04
N ALA B 133 -5.31 -3.79 -16.76
CA ALA B 133 -6.59 -4.34 -16.32
C ALA B 133 -7.72 -3.44 -16.82
N ILE B 134 -7.55 -2.13 -16.63
CA ILE B 134 -8.54 -1.14 -17.06
C ILE B 134 -8.97 -1.31 -18.51
N PHE B 135 -8.00 -1.44 -19.41
CA PHE B 135 -8.31 -1.59 -20.83
C PHE B 135 -8.96 -2.91 -21.16
N ALA B 136 -8.81 -3.89 -20.26
CA ALA B 136 -9.41 -5.20 -20.45
C ALA B 136 -10.86 -5.11 -20.00
N MET B 137 -11.08 -4.40 -18.90
CA MET B 137 -12.42 -4.18 -18.37
C MET B 137 -13.18 -3.37 -19.40
N LEU B 138 -12.72 -2.14 -19.60
CA LEU B 138 -13.35 -1.22 -20.53
C LEU B 138 -13.76 -1.83 -21.85
N ALA B 139 -12.94 -2.72 -22.40
CA ALA B 139 -13.27 -3.34 -23.66
C ALA B 139 -14.66 -3.97 -23.57
N SER B 140 -14.98 -4.48 -22.39
CA SER B 140 -16.28 -5.11 -22.16
C SER B 140 -17.39 -4.09 -22.23
N ILE B 141 -17.04 -2.84 -22.47
CA ILE B 141 -18.05 -1.77 -22.49
C ILE B 141 -17.96 -0.98 -23.80
N VAL B 142 -17.29 -1.59 -24.77
CA VAL B 142 -17.04 -0.99 -26.07
C VAL B 142 -17.47 -1.86 -27.26
N ASN B 143 -17.83 -1.21 -28.35
CA ASN B 143 -18.17 -1.92 -29.57
C ASN B 143 -17.60 -1.06 -30.69
N LYS B 144 -17.64 -1.57 -31.92
CA LYS B 144 -17.08 -0.85 -33.06
C LYS B 144 -17.59 0.56 -33.34
N ASP B 145 -18.56 1.05 -32.56
CA ASP B 145 -19.10 2.40 -32.81
C ASP B 145 -19.00 3.39 -31.67
N GLY B 146 -18.43 2.97 -30.55
CA GLY B 146 -18.31 3.86 -29.41
C GLY B 146 -18.18 3.07 -28.12
N LEU B 147 -18.35 3.74 -27.00
CA LEU B 147 -18.24 3.07 -25.71
C LEU B 147 -19.21 3.66 -24.70
N LEU B 148 -19.66 2.83 -23.77
CA LEU B 148 -20.58 3.25 -22.73
C LEU B 148 -19.83 4.08 -21.69
N VAL B 149 -20.56 4.95 -21.01
CA VAL B 149 -19.99 5.79 -19.96
C VAL B 149 -21.01 5.93 -18.84
N ALA B 150 -20.57 6.47 -17.70
CA ALA B 150 -21.45 6.65 -16.56
C ALA B 150 -22.26 5.39 -16.27
N ASN B 151 -21.55 4.29 -16.03
CA ASN B 151 -22.19 3.01 -15.75
C ASN B 151 -23.24 2.64 -16.79
N GLY B 152 -23.07 3.13 -18.01
CA GLY B 152 -24.02 2.80 -19.06
C GLY B 152 -25.00 3.92 -19.37
N SER B 153 -25.15 4.86 -18.46
CA SER B 153 -26.06 5.97 -18.66
C SER B 153 -25.86 6.63 -20.02
N GLY B 154 -24.62 6.74 -20.46
CA GLY B 154 -24.35 7.36 -21.74
C GLY B 154 -23.58 6.48 -22.71
N PHE B 155 -23.28 7.04 -23.87
CA PHE B 155 -22.56 6.31 -24.91
C PHE B 155 -21.78 7.31 -25.77
N VAL B 156 -20.46 7.28 -25.66
CA VAL B 156 -19.61 8.18 -26.44
C VAL B 156 -19.34 7.53 -27.78
N THR B 157 -19.66 8.23 -28.86
CA THR B 157 -19.46 7.68 -30.20
C THR B 157 -17.99 7.68 -30.57
N ARG B 158 -17.58 6.65 -31.30
CA ARG B 158 -16.20 6.51 -31.74
C ARG B 158 -15.83 7.64 -32.71
N GLU B 159 -16.72 7.93 -33.66
CA GLU B 159 -16.43 8.98 -34.63
C GLU B 159 -16.25 10.34 -34.00
N PHE B 160 -16.83 10.54 -32.82
CA PHE B 160 -16.68 11.81 -32.12
C PHE B 160 -15.26 11.92 -31.58
N LEU B 161 -14.77 10.82 -30.99
CA LEU B 161 -13.44 10.77 -30.43
C LEU B 161 -12.38 10.81 -31.54
N ARG B 162 -12.74 10.32 -32.73
CA ARG B 162 -11.82 10.32 -33.85
C ARG B 162 -11.65 11.71 -34.45
N SER B 163 -12.61 12.59 -34.18
CA SER B 163 -12.57 13.95 -34.71
C SER B 163 -11.75 14.91 -33.85
N LEU B 164 -11.60 14.59 -32.57
CA LEU B 164 -10.84 15.42 -31.65
C LEU B 164 -9.41 15.65 -32.18
N ARG B 165 -8.78 16.75 -31.80
CA ARG B 165 -7.42 17.06 -32.25
C ARG B 165 -6.51 15.85 -32.31
N LYS B 166 -5.58 15.87 -33.27
CA LYS B 166 -4.63 14.78 -33.50
C LYS B 166 -4.00 14.13 -32.27
N PRO B 167 -3.60 14.94 -31.27
CA PRO B 167 -2.98 14.37 -30.06
C PRO B 167 -3.90 13.42 -29.32
N PHE B 168 -5.06 13.91 -28.93
CA PHE B 168 -6.03 13.13 -28.18
C PHE B 168 -6.75 12.04 -28.96
N SER B 169 -7.07 12.31 -30.22
CA SER B 169 -7.74 11.29 -31.02
C SER B 169 -6.86 10.05 -31.11
N ASP B 170 -5.58 10.28 -31.40
CA ASP B 170 -4.62 9.20 -31.57
C ASP B 170 -4.36 8.31 -30.37
N ILE B 171 -4.69 8.78 -29.17
CA ILE B 171 -4.44 7.96 -28.00
C ILE B 171 -5.65 7.11 -27.61
N ILE B 172 -6.86 7.60 -27.89
CA ILE B 172 -8.04 6.82 -27.53
C ILE B 172 -8.33 5.71 -28.56
N GLU B 173 -8.14 6.02 -29.84
CA GLU B 173 -8.39 5.07 -30.92
C GLU B 173 -7.75 3.69 -30.80
N PRO B 174 -6.47 3.62 -30.45
CA PRO B 174 -5.82 2.31 -30.34
C PRO B 174 -6.56 1.38 -29.40
N LYS B 175 -7.08 1.93 -28.30
CA LYS B 175 -7.81 1.13 -27.33
C LYS B 175 -9.12 0.57 -27.91
N PHE B 176 -9.56 1.13 -29.03
CA PHE B 176 -10.76 0.65 -29.69
C PHE B 176 -10.40 -0.62 -30.45
N GLU B 177 -9.47 -0.51 -31.39
CA GLU B 177 -9.04 -1.66 -32.19
C GLU B 177 -8.70 -2.84 -31.29
N PHE B 178 -8.23 -2.56 -30.07
CA PHE B 178 -7.91 -3.64 -29.15
C PHE B 178 -9.19 -4.25 -28.58
N ALA B 179 -10.04 -3.40 -28.00
CA ALA B 179 -11.29 -3.86 -27.42
C ALA B 179 -12.03 -4.75 -28.40
N VAL B 180 -12.48 -4.18 -29.51
CA VAL B 180 -13.20 -4.94 -30.52
C VAL B 180 -12.56 -6.30 -30.76
N LYS B 181 -11.28 -6.30 -31.10
CA LYS B 181 -10.55 -7.53 -31.35
C LYS B 181 -10.59 -8.46 -30.13
N PHE B 182 -10.41 -7.88 -28.95
CA PHE B 182 -10.42 -8.64 -27.71
C PHE B 182 -11.79 -9.26 -27.48
N ASN B 183 -12.82 -8.46 -27.70
CA ASN B 183 -14.19 -8.91 -27.51
C ASN B 183 -14.57 -10.09 -28.37
N ALA B 184 -13.83 -10.30 -29.45
CA ALA B 184 -14.09 -11.41 -30.35
C ALA B 184 -13.90 -12.75 -29.65
N LEU B 185 -13.02 -12.77 -28.65
CA LEU B 185 -12.74 -13.99 -27.89
C LEU B 185 -13.99 -14.39 -27.11
N GLU B 186 -14.94 -13.46 -27.02
CA GLU B 186 -16.21 -13.67 -26.33
C GLU B 186 -16.10 -14.18 -24.89
N LEU B 187 -15.22 -13.58 -24.11
CA LEU B 187 -15.05 -13.98 -22.71
C LEU B 187 -16.22 -13.44 -21.93
N ASP B 188 -16.50 -14.05 -20.77
CA ASP B 188 -17.58 -13.58 -19.92
C ASP B 188 -16.97 -13.12 -18.61
N ASP B 189 -17.81 -12.60 -17.73
CA ASP B 189 -17.38 -12.10 -16.43
C ASP B 189 -16.60 -13.15 -15.64
N SER B 190 -17.01 -14.41 -15.73
CA SER B 190 -16.31 -15.45 -14.98
C SER B 190 -14.87 -15.61 -15.46
N ASP B 191 -14.63 -15.28 -16.72
CA ASP B 191 -13.29 -15.39 -17.27
C ASP B 191 -12.49 -14.15 -16.93
N LEU B 192 -13.06 -12.98 -17.22
CA LEU B 192 -12.41 -11.70 -16.95
C LEU B 192 -11.97 -11.63 -15.50
N ALA B 193 -12.86 -12.04 -14.58
CA ALA B 193 -12.56 -12.02 -13.16
C ALA B 193 -11.18 -12.60 -12.88
N LEU B 194 -10.85 -13.67 -13.59
CA LEU B 194 -9.55 -14.33 -13.44
C LEU B 194 -8.49 -13.69 -14.32
N PHE B 195 -8.90 -13.29 -15.52
CA PHE B 195 -7.97 -12.69 -16.47
C PHE B 195 -7.31 -11.44 -15.89
N ILE B 196 -8.10 -10.51 -15.37
CA ILE B 196 -7.51 -9.30 -14.82
C ILE B 196 -6.75 -9.61 -13.52
N ALA B 197 -7.19 -10.64 -12.80
CA ALA B 197 -6.52 -11.02 -11.56
C ALA B 197 -5.14 -11.56 -11.92
N ALA B 198 -5.01 -12.05 -13.15
CA ALA B 198 -3.74 -12.60 -13.62
C ALA B 198 -2.87 -11.47 -14.17
N ILE B 199 -3.48 -10.29 -14.29
CA ILE B 199 -2.79 -9.10 -14.78
C ILE B 199 -2.17 -8.37 -13.60
N ILE B 200 -3.01 -8.02 -12.63
CA ILE B 200 -2.52 -7.30 -11.46
C ILE B 200 -1.38 -8.04 -10.80
N LEU B 201 -1.54 -9.34 -10.60
CA LEU B 201 -0.50 -10.12 -9.97
C LEU B 201 0.55 -10.60 -10.95
N CYS B 202 1.34 -9.66 -11.44
CA CYS B 202 2.41 -9.94 -12.37
C CYS B 202 3.74 -9.74 -11.65
N GLY B 203 4.49 -10.83 -11.49
CA GLY B 203 5.77 -10.74 -10.80
C GLY B 203 6.82 -10.09 -11.66
N ASP B 204 6.42 -9.62 -12.84
CA ASP B 204 7.36 -8.98 -13.76
C ASP B 204 7.37 -7.44 -13.66
N ARG B 205 6.76 -6.90 -12.62
CA ARG B 205 6.72 -5.45 -12.43
C ARG B 205 8.03 -4.95 -11.84
N PRO B 206 8.52 -3.81 -12.34
CA PRO B 206 9.78 -3.23 -11.86
C PRO B 206 9.69 -2.67 -10.45
N GLY B 207 10.36 -3.32 -9.51
CA GLY B 207 10.35 -2.83 -8.15
C GLY B 207 9.80 -3.78 -7.10
N LEU B 208 9.20 -4.89 -7.55
CA LEU B 208 8.65 -5.84 -6.59
C LEU B 208 9.73 -6.34 -5.64
N MET B 209 9.40 -6.40 -4.35
CA MET B 209 10.34 -6.87 -3.35
C MET B 209 10.41 -8.38 -3.45
N ASN B 210 9.35 -9.05 -3.00
CA ASN B 210 9.30 -10.51 -3.05
C ASN B 210 8.77 -10.95 -4.41
N VAL B 211 9.64 -11.02 -5.41
CA VAL B 211 9.20 -11.45 -6.73
C VAL B 211 8.57 -12.85 -6.67
N PRO B 212 9.24 -13.81 -6.03
CA PRO B 212 8.71 -15.17 -5.94
C PRO B 212 7.24 -15.25 -5.52
N ARG B 213 6.93 -14.76 -4.32
CA ARG B 213 5.56 -14.83 -3.84
C ARG B 213 4.55 -14.24 -4.82
N VAL B 214 4.99 -13.27 -5.61
CA VAL B 214 4.08 -12.69 -6.58
C VAL B 214 3.83 -13.74 -7.65
N GLU B 215 4.91 -14.28 -8.24
CA GLU B 215 4.79 -15.31 -9.28
C GLU B 215 4.00 -16.50 -8.76
N ALA B 216 4.25 -16.85 -7.51
CA ALA B 216 3.57 -17.97 -6.86
C ALA B 216 2.05 -17.80 -6.95
N ILE B 217 1.56 -16.62 -6.57
CA ILE B 217 0.13 -16.35 -6.60
C ILE B 217 -0.39 -16.34 -8.04
N GLN B 218 0.38 -15.73 -8.94
CA GLN B 218 -0.04 -15.66 -10.33
C GLN B 218 -0.15 -17.06 -10.93
N ASP B 219 0.81 -17.92 -10.61
CA ASP B 219 0.83 -19.27 -11.13
C ASP B 219 -0.45 -20.02 -10.78
N THR B 220 -0.99 -19.74 -9.59
CA THR B 220 -2.23 -20.37 -9.16
C THR B 220 -3.36 -19.77 -9.98
N ILE B 221 -3.35 -18.44 -10.09
CA ILE B 221 -4.37 -17.73 -10.86
C ILE B 221 -4.36 -18.21 -12.30
N LEU B 222 -3.17 -18.30 -12.89
CA LEU B 222 -3.05 -18.76 -14.27
C LEU B 222 -3.51 -20.20 -14.38
N ARG B 223 -3.40 -20.96 -13.29
CA ARG B 223 -3.84 -22.35 -13.29
C ARG B 223 -5.37 -22.34 -13.22
N ALA B 224 -5.91 -21.55 -12.29
CA ALA B 224 -7.35 -21.44 -12.13
C ALA B 224 -7.90 -20.95 -13.45
N LEU B 225 -7.17 -20.05 -14.11
CA LEU B 225 -7.59 -19.51 -15.38
C LEU B 225 -7.66 -20.58 -16.46
N GLU B 226 -6.55 -21.28 -16.68
CA GLU B 226 -6.48 -22.33 -17.69
C GLU B 226 -7.58 -23.37 -17.51
N PHE B 227 -7.78 -23.76 -16.25
CA PHE B 227 -8.80 -24.75 -15.93
C PHE B 227 -10.17 -24.20 -16.30
N HIS B 228 -10.52 -23.08 -15.69
CA HIS B 228 -11.79 -22.41 -15.91
C HIS B 228 -12.10 -22.23 -17.39
N LEU B 229 -11.09 -21.85 -18.17
CA LEU B 229 -11.25 -21.64 -19.60
C LEU B 229 -11.67 -22.89 -20.34
N GLN B 230 -11.10 -24.03 -19.96
CA GLN B 230 -11.41 -25.31 -20.59
C GLN B 230 -12.80 -25.80 -20.20
N ALA B 231 -13.27 -25.39 -19.03
CA ALA B 231 -14.58 -25.80 -18.55
C ALA B 231 -15.67 -24.93 -19.16
N ASN B 232 -15.52 -23.62 -19.02
CA ASN B 232 -16.49 -22.65 -19.51
C ASN B 232 -16.53 -22.54 -21.03
N HIS B 233 -15.40 -22.79 -21.69
CA HIS B 233 -15.32 -22.70 -23.15
C HIS B 233 -14.63 -23.95 -23.70
N PRO B 234 -15.22 -25.12 -23.48
CA PRO B 234 -14.65 -26.40 -23.96
C PRO B 234 -14.36 -26.53 -25.45
N ASP B 235 -15.28 -26.05 -26.30
CA ASP B 235 -15.09 -26.14 -27.74
C ASP B 235 -14.21 -25.01 -28.27
N ALA B 236 -13.73 -24.18 -27.36
CA ALA B 236 -12.86 -23.06 -27.73
C ALA B 236 -11.42 -23.31 -27.30
N GLN B 237 -10.84 -24.40 -27.77
CA GLN B 237 -9.46 -24.73 -27.43
C GLN B 237 -8.55 -23.64 -27.97
N TYR B 238 -7.33 -23.56 -27.44
CA TYR B 238 -6.39 -22.52 -27.87
C TYR B 238 -6.77 -21.17 -27.29
N LEU B 239 -7.90 -21.13 -26.59
CA LEU B 239 -8.35 -19.88 -25.99
C LEU B 239 -7.36 -19.41 -24.94
N PHE B 240 -6.84 -20.34 -24.16
CA PHE B 240 -5.89 -19.98 -23.11
C PHE B 240 -4.65 -19.30 -23.68
N PRO B 241 -3.98 -19.94 -24.65
CA PRO B 241 -2.79 -19.27 -25.17
C PRO B 241 -3.14 -17.93 -25.83
N LYS B 242 -4.37 -17.83 -26.36
CA LYS B 242 -4.81 -16.59 -26.98
C LYS B 242 -4.85 -15.45 -25.95
N LEU B 243 -5.46 -15.72 -24.81
CA LEU B 243 -5.57 -14.72 -23.76
C LEU B 243 -4.21 -14.30 -23.23
N LEU B 244 -3.35 -15.29 -22.98
CA LEU B 244 -2.03 -14.97 -22.47
C LEU B 244 -1.39 -14.01 -23.46
N GLN B 245 -1.65 -14.24 -24.75
CA GLN B 245 -1.10 -13.38 -25.77
C GLN B 245 -1.72 -11.98 -25.65
N LYS B 246 -3.03 -11.96 -25.42
CA LYS B 246 -3.74 -10.71 -25.26
C LYS B 246 -3.07 -9.94 -24.12
N MET B 247 -2.67 -10.66 -23.08
CA MET B 247 -2.02 -10.03 -21.95
C MET B 247 -0.78 -9.31 -22.47
N ALA B 248 -0.06 -9.95 -23.38
CA ALA B 248 1.13 -9.36 -23.96
C ALA B 248 0.72 -8.12 -24.74
N ASP B 249 -0.38 -8.22 -25.48
CA ASP B 249 -0.88 -7.08 -26.26
C ASP B 249 -1.18 -5.90 -25.35
N LEU B 250 -1.70 -6.19 -24.16
CA LEU B 250 -2.03 -5.15 -23.20
C LEU B 250 -0.78 -4.46 -22.67
N ARG B 251 0.23 -5.26 -22.34
CA ARG B 251 1.48 -4.73 -21.83
C ARG B 251 2.03 -3.74 -22.84
N GLN B 252 1.84 -4.06 -24.12
CA GLN B 252 2.33 -3.22 -25.22
C GLN B 252 1.42 -2.01 -25.40
N LEU B 253 0.12 -2.24 -25.32
CA LEU B 253 -0.85 -1.17 -25.46
C LEU B 253 -0.61 -0.12 -24.39
N VAL B 254 -0.36 -0.57 -23.17
CA VAL B 254 -0.13 0.34 -22.05
C VAL B 254 1.18 1.09 -22.24
N THR B 255 2.18 0.44 -22.81
CA THR B 255 3.46 1.11 -23.01
C THR B 255 3.30 2.29 -23.95
N GLU B 256 2.65 2.06 -25.10
CA GLU B 256 2.44 3.13 -26.07
C GLU B 256 1.57 4.20 -25.45
N HIS B 257 0.64 3.77 -24.61
CA HIS B 257 -0.24 4.70 -23.93
C HIS B 257 0.57 5.61 -23.03
N ALA B 258 1.37 5.01 -22.16
CA ALA B 258 2.20 5.77 -21.25
C ALA B 258 3.02 6.75 -22.07
N GLN B 259 3.57 6.28 -23.18
CA GLN B 259 4.37 7.14 -24.03
C GLN B 259 3.54 8.32 -24.47
N MET B 260 2.39 8.05 -25.08
CA MET B 260 1.50 9.10 -25.56
C MET B 260 1.06 10.02 -24.43
N MET B 261 0.93 9.46 -23.24
CA MET B 261 0.53 10.26 -22.09
C MET B 261 1.66 11.25 -21.79
N GLN B 262 2.89 10.82 -22.05
CA GLN B 262 4.07 11.65 -21.82
C GLN B 262 4.10 12.84 -22.76
N ARG B 263 3.77 12.60 -24.03
CA ARG B 263 3.77 13.66 -25.02
C ARG B 263 2.68 14.67 -24.72
N ILE B 264 1.54 14.18 -24.29
CA ILE B 264 0.43 15.05 -23.96
C ILE B 264 0.84 15.90 -22.76
N LYS B 265 1.75 15.37 -21.94
CA LYS B 265 2.22 16.08 -20.76
C LYS B 265 3.32 17.08 -21.12
N LYS B 266 4.06 16.79 -22.17
CA LYS B 266 5.14 17.65 -22.62
C LYS B 266 4.63 18.72 -23.58
N THR B 267 3.87 18.29 -24.59
CA THR B 267 3.33 19.19 -25.61
C THR B 267 2.05 19.94 -25.26
N GLU B 268 1.17 19.32 -24.48
CA GLU B 268 -0.08 19.98 -24.12
C GLU B 268 0.05 20.64 -22.76
N THR B 269 0.90 21.67 -22.71
CA THR B 269 1.15 22.45 -21.50
C THR B 269 -0.13 22.73 -20.69
N GLU B 270 -1.24 22.95 -21.39
CA GLU B 270 -2.52 23.24 -20.78
C GLU B 270 -3.02 22.18 -19.80
N THR B 271 -3.18 20.96 -20.31
CA THR B 271 -3.68 19.82 -19.55
C THR B 271 -2.97 19.50 -18.22
N SER B 272 -3.74 19.06 -17.24
CA SER B 272 -3.22 18.65 -15.93
C SER B 272 -3.50 17.16 -15.79
N LEU B 273 -3.12 16.56 -14.66
CA LEU B 273 -3.34 15.13 -14.50
C LEU B 273 -3.76 14.80 -13.07
N HIS B 274 -4.83 14.03 -12.92
CA HIS B 274 -5.32 13.68 -11.59
C HIS B 274 -4.16 13.14 -10.77
N PRO B 275 -3.98 13.67 -9.55
CA PRO B 275 -2.90 13.25 -8.64
C PRO B 275 -2.68 11.74 -8.55
N LEU B 276 -3.77 10.99 -8.49
CA LEU B 276 -3.68 9.54 -8.41
C LEU B 276 -3.02 8.99 -9.69
N LEU B 277 -3.31 9.61 -10.82
CA LEU B 277 -2.74 9.18 -12.09
C LEU B 277 -1.29 9.58 -12.20
N GLN B 278 -0.91 10.64 -11.49
CA GLN B 278 0.46 11.10 -11.51
C GLN B 278 1.38 10.13 -10.79
N GLU B 279 0.91 9.59 -9.67
CA GLU B 279 1.72 8.64 -8.91
C GLU B 279 2.04 7.44 -9.80
N ILE B 280 1.14 7.16 -10.75
CA ILE B 280 1.34 6.03 -11.66
C ILE B 280 2.31 6.39 -12.78
N TYR B 281 2.02 7.45 -13.51
CA TYR B 281 2.88 7.90 -14.61
C TYR B 281 4.11 8.61 -14.05
N LYS B 282 4.64 8.07 -12.96
CA LYS B 282 5.81 8.64 -12.30
C LYS B 282 7.01 7.73 -12.53
N ASP B 283 6.86 6.49 -12.38
O11 GNI C . 16.53 -1.05 16.24
C10 GNI C . 17.07 -0.85 17.33
N20 GNI C . 19.46 1.96 17.25
C21 GNI C . 18.86 0.93 16.66
C28 GNI C . 20.65 -7.18 19.54
C27 GNI C . 21.03 -5.89 19.91
C26 GNI C . 20.11 -4.85 19.83
C25 GNI C . 18.82 -5.08 19.38
C24 GNI C . 18.44 -6.37 19.01
C23 GNI C . 19.36 -7.42 19.10
C13 GNI C . 18.03 1.09 18.74
C14 GNI C . 17.38 0.83 19.94
C19 GNI C . 18.11 0.79 21.12
C18 GNI C . 17.47 0.52 22.33
C17 GNI C . 16.09 0.30 22.35
C16 GNI C . 15.37 0.35 21.17
C15 GNI C . 16.00 0.61 19.96
N9 GNI C . 16.90 -1.63 18.39
C8 GNI C . 16.09 -2.86 18.37
C7 GNI C . 17.01 -4.07 18.28
C5 GNI C . 19.68 -0.43 12.79
C4 GNI C . 20.71 0.02 13.62
C3 GNI C . 20.42 0.48 14.90
C30 GNI C . 18.37 -0.42 13.24
C31 GNI C . 18.08 0.05 14.53
O GNI C . 15.40 0.02 11.19
C GNI C . 16.58 0.21 11.57
O3 GNI C . 17.24 1.25 11.38
C2 GNI C . 17.25 -0.93 12.33
C9 GNI C . 19.10 0.49 15.36
O13 GNI C . 18.95 2.09 18.57
C12 GNI C . 17.97 0.37 17.55
O21 GNI C . 17.93 -4.05 19.40
CL26 GNI C . 21.79 -8.48 19.63
CL29 GNI C . 20.60 -3.25 20.28
O11 GNI D . -9.79 6.28 -20.65
C10 GNI D . -10.08 5.91 -21.79
N20 GNI D . -7.31 6.05 -24.22
C21 GNI D . -7.86 6.45 -23.07
C28 GNI D . -16.16 10.95 -22.48
C27 GNI D . -15.32 10.28 -23.37
C26 GNI D . -14.70 9.09 -23.00
C25 GNI D . -14.91 8.58 -21.71
C24 GNI D . -15.74 9.26 -20.83
C23 GNI D . -16.36 10.44 -21.20
C13 GNI D . -9.10 4.78 -23.91
C14 GNI D . -10.11 3.84 -24.11
C19 GNI D . -10.95 3.93 -25.22
C18 GNI D . -11.95 3.00 -25.42
C17 GNI D . -12.12 1.95 -24.52
C16 GNI D . -11.29 1.85 -23.41
C15 GNI D . -10.29 2.79 -23.21
N9 GNI D . -11.30 5.62 -22.20
C8 GNI D . -12.50 5.80 -21.38
C7 GNI D . -12.99 7.21 -21.69
C5 GNI D . -6.48 9.51 -20.59
C4 GNI D . -6.48 9.67 -21.96
C3 GNI D . -6.93 8.64 -22.78
C30 GNI D . -6.93 8.33 -20.03
C31 GNI D . -7.40 7.30 -20.84
O GNI D . -5.77 6.79 -16.94
C GNI D . -5.69 7.42 -18.03
O3 GNI D . -4.67 7.48 -18.76
C2 GNI D . -6.94 8.17 -18.50
C9 GNI D . -7.40 7.45 -22.23
O13 GNI D . -8.07 5.00 -24.77
C12 GNI D . -9.00 5.67 -22.85
O21 GNI D . -14.36 7.41 -21.28
CL26 GNI D . -16.95 12.42 -22.97
CL29 GNI D . -13.72 8.29 -24.17
#